data_6STR
#
_entry.id   6STR
#
_cell.length_a   126.960
_cell.length_b   126.960
_cell.length_c   45.870
_cell.angle_alpha   90.000
_cell.angle_beta   90.000
_cell.angle_gamma   120.000
#
_symmetry.space_group_name_H-M   'P 65'
#
loop_
_entity.id
_entity.type
_entity.pdbx_description
1 polymer 'Arundo donax Lectin (ADL)'
2 non-polymer 2-acetamido-2-deoxy-beta-D-glucopyranose
3 non-polymer GLYCEROL
4 water water
#
_entity_poly.entity_id   1
_entity_poly.type   'polypeptide(L)'
_entity_poly.pdbx_seq_one_letter_code
;AYECGKQGGGALCPNNKCCSRYGYCGFGPAYCGTGCQSGGCCPGKRCGDQANGETCPNNLCCSEDGYCGFGSEYCGAGCQ
GGPCRADKLCGTLAGGQLCPDNLCCSQWGFCGLGVEFCGDGCQSGACCSMRCGRQADGAKCTNNYCCGASGYCGLGGDYC
GAGCQSGPCT
;
_entity_poly.pdbx_strand_id   A,B
#
loop_
_chem_comp.id
_chem_comp.type
_chem_comp.name
_chem_comp.formula
GOL non-polymer GLYCEROL 'C3 H8 O3'
NAG D-saccharide, beta linking 2-acetamido-2-deoxy-beta-D-glucopyranose 'C8 H15 N O6'
#
# COMPACT_ATOMS: atom_id res chain seq x y z
N ALA A 1 6.04 3.37 -21.53
CA ALA A 1 5.09 3.98 -20.56
C ALA A 1 5.49 3.63 -19.13
N TYR A 2 6.01 4.62 -18.41
CA TYR A 2 6.38 4.44 -17.00
C TYR A 2 5.18 3.99 -16.20
N GLU A 3 5.45 3.31 -15.09
CA GLU A 3 4.40 2.67 -14.33
C GLU A 3 4.23 3.32 -12.97
N CYS A 4 5.32 3.84 -12.41
CA CYS A 4 5.35 4.12 -10.99
C CYS A 4 6.39 5.18 -10.63
N GLY A 5 6.27 5.71 -9.42
CA GLY A 5 7.28 6.58 -8.85
C GLY A 5 7.25 7.97 -9.45
N LYS A 6 8.40 8.63 -9.44
CA LYS A 6 8.48 10.01 -9.86
C LYS A 6 8.23 10.16 -11.36
N GLN A 7 8.48 9.09 -12.10
CA GLN A 7 8.26 9.09 -13.55
C GLN A 7 6.80 8.79 -13.88
N GLY A 8 6.11 8.13 -12.97
CA GLY A 8 4.76 7.64 -13.25
C GLY A 8 3.69 8.32 -12.42
N GLY A 9 3.92 9.59 -12.11
CA GLY A 9 2.93 10.41 -11.43
C GLY A 9 2.72 10.01 -9.99
N GLY A 10 3.74 9.39 -9.40
CA GLY A 10 3.71 9.03 -7.99
C GLY A 10 2.92 7.75 -7.72
N ALA A 11 2.56 7.05 -8.79
CA ALA A 11 1.80 5.81 -8.66
C ALA A 11 2.61 4.75 -7.92
N LEU A 12 1.91 3.85 -7.24
CA LEU A 12 2.53 2.70 -6.61
C LEU A 12 2.29 1.48 -7.47
N CYS A 13 3.13 0.46 -7.25
CA CYS A 13 2.91 -0.84 -7.87
C CYS A 13 2.01 -1.69 -6.98
N PRO A 14 1.27 -2.62 -7.58
CA PRO A 14 0.40 -3.51 -6.80
C PRO A 14 1.16 -4.69 -6.18
N ASN A 15 0.65 -5.16 -5.05
CA ASN A 15 1.15 -6.39 -4.41
C ASN A 15 2.62 -6.28 -4.01
N ASN A 16 3.03 -5.08 -3.60
CA ASN A 16 4.34 -4.86 -3.00
C ASN A 16 5.48 -4.90 -4.01
N LYS A 17 5.13 -4.87 -5.30
CA LYS A 17 6.17 -4.78 -6.31
C LYS A 17 6.98 -3.50 -6.13
N CYS A 18 8.28 -3.64 -6.24
CA CYS A 18 9.18 -2.50 -6.12
C CYS A 18 9.13 -1.62 -7.34
N CYS A 19 9.15 -0.31 -7.11
CA CYS A 19 9.29 0.63 -8.19
C CYS A 19 10.76 0.98 -8.39
N SER A 20 11.31 0.60 -9.53
CA SER A 20 12.73 0.80 -9.80
C SER A 20 13.05 2.29 -9.86
N ARG A 21 14.35 2.59 -9.87
CA ARG A 21 14.83 3.95 -10.01
C ARG A 21 14.39 4.56 -11.33
N TYR A 22 13.94 3.72 -12.25
CA TYR A 22 13.56 4.18 -13.60
C TYR A 22 12.03 4.22 -13.79
N GLY A 23 11.28 3.82 -12.78
CA GLY A 23 9.83 3.98 -12.81
C GLY A 23 9.09 2.78 -13.40
N TYR A 24 9.60 1.59 -13.15
CA TYR A 24 8.94 0.36 -13.56
C TYR A 24 8.78 -0.59 -12.36
N CYS A 25 7.79 -1.46 -12.45
CA CYS A 25 7.44 -2.35 -11.35
C CYS A 25 8.09 -3.71 -11.52
N GLY A 26 8.51 -4.31 -10.41
CA GLY A 26 9.13 -5.62 -10.46
C GLY A 26 9.74 -6.02 -9.13
N PHE A 27 10.39 -7.19 -9.13
CA PHE A 27 11.12 -7.69 -7.98
C PHE A 27 12.55 -8.03 -8.36
N GLY A 28 13.41 -8.20 -7.36
CA GLY A 28 14.82 -8.42 -7.61
C GLY A 28 15.62 -7.15 -7.46
N PRO A 29 16.94 -7.28 -7.49
CA PRO A 29 17.85 -6.17 -7.19
C PRO A 29 17.62 -4.95 -8.07
N ALA A 30 17.28 -5.17 -9.35
CA ALA A 30 17.10 -4.06 -10.29
C ALA A 30 15.95 -3.13 -9.87
N TYR A 31 14.94 -3.70 -9.20
CA TYR A 31 13.79 -2.92 -8.79
C TYR A 31 13.89 -2.53 -7.31
N CYS A 32 14.24 -3.50 -6.48
CA CYS A 32 14.12 -3.34 -5.03
C CYS A 32 15.38 -2.78 -4.38
N GLY A 33 16.50 -2.85 -5.11
CA GLY A 33 17.80 -2.44 -4.57
C GLY A 33 18.02 -0.95 -4.70
N THR A 34 19.24 -0.57 -5.10
CA THR A 34 19.59 0.84 -5.19
C THR A 34 18.57 1.62 -6.01
N GLY A 35 18.04 2.69 -5.44
CA GLY A 35 17.13 3.59 -6.16
C GLY A 35 15.66 3.23 -6.03
N CYS A 36 15.37 2.11 -5.37
CA CYS A 36 13.98 1.67 -5.20
C CYS A 36 13.14 2.79 -4.62
N GLN A 37 12.00 3.06 -5.24
CA GLN A 37 11.18 4.22 -4.87
C GLN A 37 10.05 3.84 -3.91
N SER A 38 9.56 2.61 -4.03
CA SER A 38 8.39 2.18 -3.30
C SER A 38 8.26 0.67 -3.39
N GLY A 39 7.27 0.13 -2.69
CA GLY A 39 7.09 -1.32 -2.63
C GLY A 39 8.02 -1.97 -1.62
N GLY A 40 8.34 -3.24 -1.85
CA GLY A 40 9.17 -4.01 -0.94
C GLY A 40 10.66 -3.82 -1.19
N CYS A 41 11.12 -2.58 -1.04
CA CYS A 41 12.52 -2.26 -1.27
C CYS A 41 13.41 -3.05 -0.32
N CYS A 42 14.59 -3.39 -0.79
CA CYS A 42 15.59 -4.03 0.04
C CYS A 42 16.95 -3.39 -0.18
N PRO A 43 17.46 -2.73 0.87
CA PRO A 43 16.76 -2.65 2.14
C PRO A 43 15.53 -1.76 2.04
N GLY A 44 14.73 -1.74 3.09
CA GLY A 44 13.55 -0.92 3.12
C GLY A 44 13.92 0.54 3.00
N LYS A 45 13.03 1.31 2.40
CA LYS A 45 13.20 2.75 2.32
C LYS A 45 13.38 3.33 3.71
N ARG A 46 14.10 4.44 3.81
CA ARG A 46 14.28 5.13 5.08
C ARG A 46 13.02 5.92 5.42
N CYS A 47 12.71 6.01 6.71
CA CYS A 47 11.44 6.54 7.15
C CYS A 47 11.53 7.04 8.59
N GLY A 48 10.52 7.77 9.02
CA GLY A 48 10.37 8.12 10.43
C GLY A 48 11.35 9.18 10.88
N ASP A 49 11.73 9.10 12.16
CA ASP A 49 12.58 10.12 12.76
C ASP A 49 13.95 10.13 12.08
N GLN A 50 14.19 9.11 11.27
CA GLN A 50 15.48 8.96 10.60
C GLN A 50 15.42 9.45 9.15
N ALA A 51 14.23 9.80 8.69
CA ALA A 51 14.05 10.25 7.31
C ALA A 51 13.17 11.51 7.21
N ASN A 52 13.27 12.37 8.22
CA ASN A 52 12.56 13.66 8.20
C ASN A 52 11.04 13.48 8.21
N GLY A 53 10.57 12.48 8.93
CA GLY A 53 9.13 12.28 9.11
C GLY A 53 8.46 11.54 7.97
N GLU A 54 9.21 11.29 6.90
CA GLU A 54 8.70 10.56 5.75
C GLU A 54 8.02 9.26 6.18
N THR A 55 6.84 9.00 5.62
CA THR A 55 6.16 7.75 5.87
C THR A 55 6.55 6.73 4.83
N CYS A 56 6.34 5.45 5.14
CA CYS A 56 6.61 4.38 4.20
C CYS A 56 5.54 4.33 3.11
N PRO A 57 5.98 4.18 1.85
CA PRO A 57 5.03 3.93 0.75
C PRO A 57 4.39 2.56 0.84
N ASN A 58 3.15 2.46 0.37
CA ASN A 58 2.41 1.18 0.32
C ASN A 58 1.95 0.73 1.70
N ASN A 59 1.90 1.65 2.64
CA ASN A 59 1.48 1.32 4.00
C ASN A 59 2.39 0.30 4.68
N LEU A 60 3.67 0.32 4.37
CA LEU A 60 4.63 -0.47 5.11
C LEU A 60 4.85 0.16 6.48
N CYS A 61 5.27 -0.66 7.43
CA CYS A 61 5.59 -0.17 8.76
C CYS A 61 6.99 0.41 8.79
N CYS A 62 7.14 1.49 9.56
CA CYS A 62 8.43 2.09 9.77
C CYS A 62 9.04 1.59 11.07
N SER A 63 10.15 0.89 10.97
CA SER A 63 10.77 0.25 12.12
C SER A 63 11.36 1.28 13.09
N GLU A 64 11.71 0.79 14.28
CA GLU A 64 12.39 1.59 15.27
C GLU A 64 13.67 2.21 14.71
N ASP A 65 14.28 1.48 13.77
CA ASP A 65 15.55 1.88 13.17
C ASP A 65 15.36 2.77 11.94
N GLY A 66 14.11 2.92 11.51
CA GLY A 66 13.79 3.85 10.42
C GLY A 66 13.88 3.21 9.04
N TYR A 67 13.52 1.93 8.97
CA TYR A 67 13.41 1.23 7.70
C TYR A 67 11.98 0.74 7.48
N CYS A 68 11.57 0.64 6.21
CA CYS A 68 10.22 0.22 5.89
C CYS A 68 10.16 -1.29 5.70
N GLY A 69 9.14 -1.91 6.25
CA GLY A 69 8.94 -3.35 6.09
C GLY A 69 7.69 -3.83 6.80
N PHE A 70 7.58 -5.16 6.88
CA PHE A 70 6.48 -5.80 7.58
C PHE A 70 7.03 -6.88 8.50
N GLY A 71 6.19 -7.35 9.42
CA GLY A 71 6.60 -8.28 10.47
C GLY A 71 6.76 -7.56 11.80
N SER A 72 6.96 -8.33 12.86
CA SER A 72 7.02 -7.76 14.21
C SER A 72 8.21 -6.80 14.38
N GLU A 73 9.29 -7.04 13.65
CA GLU A 73 10.47 -6.18 13.72
C GLU A 73 10.15 -4.76 13.24
N TYR A 74 9.13 -4.65 12.39
CA TYR A 74 8.79 -3.37 11.77
C TYR A 74 7.54 -2.78 12.38
N CYS A 75 6.49 -3.61 12.52
CA CYS A 75 5.19 -3.14 12.97
C CYS A 75 5.01 -3.21 14.48
N GLY A 76 5.86 -4.00 15.14
CA GLY A 76 5.73 -4.24 16.57
C GLY A 76 6.41 -3.17 17.41
N ALA A 77 7.11 -3.61 18.45
CA ALA A 77 7.77 -2.71 19.37
C ALA A 77 8.65 -1.72 18.61
N GLY A 78 8.44 -0.43 18.85
CA GLY A 78 9.29 0.62 18.29
C GLY A 78 8.81 1.11 16.93
N CYS A 79 7.71 0.55 16.45
CA CYS A 79 7.13 0.98 15.18
C CYS A 79 6.81 2.48 15.20
N GLN A 80 7.24 3.19 14.17
CA GLN A 80 7.12 4.64 14.10
C GLN A 80 5.96 5.10 13.23
N GLY A 81 5.57 4.25 12.30
CA GLY A 81 4.57 4.62 11.31
C GLY A 81 4.01 3.44 10.56
N GLY A 82 3.03 3.70 9.72
CA GLY A 82 2.32 2.64 9.03
C GLY A 82 1.39 1.90 9.97
N PRO A 83 1.03 0.67 9.60
CA PRO A 83 0.07 -0.10 10.37
C PRO A 83 0.71 -0.79 11.58
N CYS A 84 1.35 0.01 12.43
CA CYS A 84 1.88 -0.50 13.69
C CYS A 84 0.82 -1.32 14.41
N ARG A 85 1.27 -2.24 15.26
CA ARG A 85 0.36 -3.12 15.98
C ARG A 85 -0.31 -2.38 17.13
N ALA A 86 0.29 -1.28 17.56
CA ALA A 86 -0.28 -0.46 18.62
C ALA A 86 -1.35 0.45 18.05
N ASP A 87 -2.44 0.61 18.80
CA ASP A 87 -3.47 1.56 18.40
C ASP A 87 -2.84 2.92 18.17
N LYS A 88 -3.39 3.66 17.22
CA LYS A 88 -2.82 4.93 16.82
C LYS A 88 -3.79 6.08 17.10
N LEU A 89 -3.39 6.96 18.01
CA LEU A 89 -4.28 8.02 18.50
C LEU A 89 -4.25 9.24 17.59
N CYS A 90 -5.34 9.99 17.57
CA CYS A 90 -5.44 11.16 16.73
C CYS A 90 -6.42 12.17 17.32
N GLY A 91 -6.37 13.40 16.81
CA GLY A 91 -7.28 14.45 17.25
C GLY A 91 -7.11 15.75 16.48
N GLN A 97 -3.31 16.67 15.67
CA GLN A 97 -2.61 15.44 15.33
C GLN A 97 -3.42 14.59 14.34
N LEU A 98 -3.46 15.05 13.11
CA LEU A 98 -4.10 14.31 12.03
C LEU A 98 -3.41 12.96 11.85
N CYS A 99 -4.17 11.96 11.44
CA CYS A 99 -3.61 10.68 11.08
C CYS A 99 -2.70 10.84 9.89
N PRO A 100 -1.60 10.07 9.86
CA PRO A 100 -0.71 10.06 8.69
C PRO A 100 -1.36 9.43 7.47
N ASP A 101 -0.94 9.86 6.29
CA ASP A 101 -1.34 9.22 5.03
C ASP A 101 -2.85 9.08 4.89
N ASN A 102 -3.58 10.12 5.33
CA ASN A 102 -5.00 10.26 5.02
C ASN A 102 -5.88 9.23 5.74
N LEU A 103 -5.33 8.57 6.75
CA LEU A 103 -6.14 7.69 7.59
C LEU A 103 -7.22 8.51 8.31
N CYS A 104 -8.37 7.90 8.51
CA CYS A 104 -9.47 8.57 9.15
C CYS A 104 -9.30 8.57 10.66
N CYS A 105 -9.52 9.73 11.26
CA CYS A 105 -9.59 9.83 12.72
C CYS A 105 -11.02 9.63 13.18
N SER A 106 -11.29 8.48 13.78
CA SER A 106 -12.62 8.13 14.17
C SER A 106 -13.15 9.12 15.21
N GLN A 107 -14.43 9.02 15.51
CA GLN A 107 -15.04 9.85 16.53
C GLN A 107 -14.44 9.57 17.90
N TRP A 108 -13.77 8.42 18.04
CA TRP A 108 -13.23 8.00 19.33
C TRP A 108 -11.73 8.31 19.44
N GLY A 109 -11.17 8.89 18.39
CA GLY A 109 -9.80 9.38 18.43
C GLY A 109 -8.75 8.33 18.09
N PHE A 110 -9.12 7.38 17.23
CA PHE A 110 -8.16 6.42 16.70
C PHE A 110 -8.10 6.50 15.19
N CYS A 111 -6.93 6.17 14.63
CA CYS A 111 -6.72 6.17 13.20
C CYS A 111 -7.07 4.82 12.61
N GLY A 112 -7.66 4.86 11.42
CA GLY A 112 -7.95 3.66 10.68
C GLY A 112 -8.63 3.97 9.35
N LEU A 113 -9.05 2.91 8.68
CA LEU A 113 -9.81 3.03 7.46
C LEU A 113 -10.96 2.05 7.53
N GLY A 114 -12.00 2.30 6.75
CA GLY A 114 -13.24 1.53 6.86
C GLY A 114 -14.31 2.35 7.57
N VAL A 115 -15.55 1.89 7.50
CA VAL A 115 -16.69 2.71 7.92
C VAL A 115 -16.61 3.12 9.40
N GLU A 116 -16.09 2.22 10.25
CA GLU A 116 -16.02 2.52 11.68
C GLU A 116 -15.18 3.76 11.94
N PHE A 117 -14.23 4.03 11.05
CA PHE A 117 -13.34 5.17 11.20
C PHE A 117 -13.80 6.34 10.33
N CYS A 118 -14.13 6.03 9.08
CA CYS A 118 -14.34 7.05 8.06
C CYS A 118 -15.82 7.44 7.96
N GLY A 119 -16.70 6.61 8.50
CA GLY A 119 -18.13 6.83 8.39
C GLY A 119 -18.64 7.84 9.40
N ASP A 120 -19.76 7.52 10.03
CA ASP A 120 -20.38 8.42 11.00
C ASP A 120 -19.38 8.82 12.08
N GLY A 121 -19.20 10.13 12.25
CA GLY A 121 -18.40 10.66 13.34
C GLY A 121 -16.96 10.92 12.96
N CYS A 122 -16.59 10.52 11.75
CA CYS A 122 -15.23 10.75 11.25
C CYS A 122 -14.83 12.22 11.43
N GLN A 123 -13.69 12.44 12.07
CA GLN A 123 -13.23 13.81 12.36
C GLN A 123 -12.41 14.39 11.23
N SER A 124 -11.56 13.56 10.64
CA SER A 124 -10.58 14.03 9.68
C SER A 124 -10.03 12.86 8.87
N GLY A 125 -9.18 13.17 7.90
CA GLY A 125 -8.67 12.17 6.97
C GLY A 125 -9.67 11.87 5.86
N ALA A 126 -9.65 10.62 5.39
CA ALA A 126 -10.47 10.21 4.26
C ALA A 126 -11.88 9.84 4.68
N CYS A 127 -12.59 10.79 5.29
CA CYS A 127 -13.95 10.57 5.73
C CYS A 127 -14.86 10.26 4.54
N CYS A 128 -15.82 9.37 4.75
CA CYS A 128 -16.74 8.95 3.70
C CYS A 128 -17.52 10.12 3.13
N SER A 129 -18.08 10.94 4.01
CA SER A 129 -18.90 12.06 3.58
C SER A 129 -18.88 13.18 4.60
N MET A 130 -18.04 14.17 4.36
CA MET A 130 -17.95 15.33 5.23
C MET A 130 -18.37 16.58 4.47
N ARG A 131 -19.43 17.22 4.96
CA ARG A 131 -20.04 18.34 4.24
C ARG A 131 -19.26 19.63 4.43
N CYS A 132 -19.46 20.57 3.51
CA CYS A 132 -18.68 21.79 3.49
C CYS A 132 -19.33 22.84 2.59
N GLY A 133 -18.83 24.07 2.66
CA GLY A 133 -19.24 25.13 1.73
C GLY A 133 -20.66 25.62 1.99
N ARG A 134 -21.27 26.20 0.96
CA ARG A 134 -22.63 26.71 1.06
C ARG A 134 -23.53 25.71 1.77
N GLN A 135 -23.38 24.43 1.40
CA GLN A 135 -24.33 23.40 1.83
C GLN A 135 -24.15 23.04 3.30
N ALA A 136 -23.15 23.63 3.94
CA ALA A 136 -22.85 23.32 5.33
C ALA A 136 -22.43 24.56 6.10
N ASP A 137 -22.99 25.70 5.71
CA ASP A 137 -22.78 26.96 6.44
C ASP A 137 -21.32 27.40 6.40
N GLY A 138 -20.69 27.22 5.24
CA GLY A 138 -19.32 27.69 5.04
C GLY A 138 -18.29 26.86 5.80
N ALA A 139 -18.69 25.68 6.25
CA ALA A 139 -17.78 24.77 6.94
C ALA A 139 -16.62 24.38 6.02
N LYS A 140 -15.41 24.48 6.55
CA LYS A 140 -14.22 24.16 5.78
C LYS A 140 -13.90 22.67 5.85
N CYS A 141 -13.16 22.18 4.88
CA CYS A 141 -12.70 20.81 4.88
C CYS A 141 -11.42 20.67 5.68
N THR A 142 -11.24 19.51 6.31
CA THR A 142 -10.00 19.21 7.01
C THR A 142 -8.97 18.66 6.03
N ASN A 143 -7.72 18.57 6.49
CA ASN A 143 -6.65 17.93 5.72
C ASN A 143 -6.32 18.70 4.45
N ASN A 144 -6.86 19.91 4.33
CA ASN A 144 -6.63 20.73 3.15
C ASN A 144 -7.21 20.06 1.90
N TYR A 145 -8.29 19.31 2.08
CA TYR A 145 -9.04 18.78 0.97
C TYR A 145 -9.79 19.91 0.26
N CYS A 146 -10.39 19.60 -0.86
CA CYS A 146 -11.21 20.56 -1.58
C CYS A 146 -12.66 20.38 -1.21
N CYS A 147 -13.42 21.47 -1.26
CA CYS A 147 -14.86 21.40 -1.10
C CYS A 147 -15.53 21.41 -2.47
N GLY A 148 -16.17 20.29 -2.81
CA GLY A 148 -16.79 20.14 -4.12
C GLY A 148 -17.93 21.11 -4.33
N ALA A 149 -18.50 21.10 -5.53
CA ALA A 149 -19.58 22.01 -5.89
C ALA A 149 -20.86 21.67 -5.12
N SER A 150 -21.05 20.39 -4.83
CA SER A 150 -22.24 19.93 -4.13
C SER A 150 -22.01 19.86 -2.62
N GLY A 151 -20.86 20.37 -2.19
CA GLY A 151 -20.59 20.54 -0.76
C GLY A 151 -20.11 19.29 -0.06
N TYR A 152 -19.27 18.51 -0.74
CA TYR A 152 -18.62 17.36 -0.11
C TYR A 152 -17.10 17.52 -0.15
N CYS A 153 -16.46 17.06 0.92
CA CYS A 153 -15.01 17.17 1.04
C CYS A 153 -14.32 16.01 0.34
N GLY A 154 -13.28 16.33 -0.42
CA GLY A 154 -12.54 15.30 -1.15
C GLY A 154 -11.38 15.86 -1.93
N LEU A 155 -10.73 14.97 -2.69
CA LEU A 155 -9.64 15.35 -3.57
C LEU A 155 -9.86 14.74 -4.92
N GLY A 156 -9.10 15.21 -5.90
CA GLY A 156 -9.29 14.80 -7.29
C GLY A 156 -10.10 15.83 -8.03
N GLY A 157 -10.22 15.63 -9.34
CA GLY A 157 -10.85 16.62 -10.21
C GLY A 157 -12.26 16.98 -9.78
N ASP A 158 -13.03 15.98 -9.36
CA ASP A 158 -14.44 16.17 -9.06
C ASP A 158 -14.67 17.14 -7.91
N TYR A 159 -13.64 17.35 -7.08
CA TYR A 159 -13.77 18.21 -5.92
C TYR A 159 -12.91 19.47 -6.03
N CYS A 160 -11.73 19.32 -6.65
CA CYS A 160 -10.78 20.42 -6.76
C CYS A 160 -10.95 21.16 -8.09
N GLY A 161 -11.69 20.56 -9.00
CA GLY A 161 -11.90 21.13 -10.33
C GLY A 161 -12.92 22.26 -10.30
N ALA A 162 -13.71 22.34 -11.37
CA ALA A 162 -14.72 23.38 -11.50
C ALA A 162 -15.83 23.20 -10.47
N GLY A 163 -16.30 24.30 -9.89
CA GLY A 163 -17.31 24.25 -8.85
C GLY A 163 -16.68 24.22 -7.47
N CYS A 164 -15.39 23.97 -7.42
CA CYS A 164 -14.67 23.93 -6.16
C CYS A 164 -14.94 25.19 -5.35
N GLN A 165 -15.26 25.02 -4.07
CA GLN A 165 -15.66 26.15 -3.22
C GLN A 165 -14.50 26.63 -2.34
N SER A 166 -13.77 25.68 -1.75
CA SER A 166 -12.67 26.01 -0.87
C SER A 166 -11.59 24.92 -0.89
N GLY A 167 -10.47 25.20 -0.24
CA GLY A 167 -9.30 24.33 -0.32
C GLY A 167 -8.50 24.60 -1.58
N PRO A 168 -7.46 23.80 -1.81
CA PRO A 168 -6.63 23.97 -3.01
C PRO A 168 -7.43 23.74 -4.29
N CYS A 169 -8.27 24.71 -4.64
CA CYS A 169 -9.13 24.61 -5.82
C CYS A 169 -8.33 24.80 -7.11
N THR A 170 -9.05 24.92 -8.22
CA THR A 170 -8.43 25.19 -9.51
C THR A 170 -6.91 25.02 -9.44
N ALA B 1 -4.42 11.15 -18.81
CA ALA B 1 -4.12 9.70 -18.65
C ALA B 1 -4.65 9.18 -17.32
N TYR B 2 -5.21 7.97 -17.35
CA TYR B 2 -5.69 7.30 -16.15
C TYR B 2 -4.53 7.17 -15.17
N GLU B 3 -4.87 6.98 -13.89
CA GLU B 3 -3.85 6.97 -12.84
C GLU B 3 -3.74 5.62 -12.15
N CYS B 4 -4.83 4.87 -12.15
CA CYS B 4 -4.95 3.72 -11.27
C CYS B 4 -5.97 2.72 -11.77
N GLY B 5 -6.05 1.57 -11.09
CA GLY B 5 -7.11 0.61 -11.35
C GLY B 5 -6.92 -0.07 -12.70
N LYS B 6 -7.98 -0.69 -13.21
CA LYS B 6 -7.85 -1.42 -14.47
C LYS B 6 -7.61 -0.48 -15.65
N GLN B 7 -8.06 0.77 -15.53
CA GLN B 7 -7.81 1.75 -16.58
C GLN B 7 -6.36 2.21 -16.54
N GLY B 8 -5.74 2.08 -15.37
CA GLY B 8 -4.37 2.57 -15.17
C GLY B 8 -3.37 1.44 -15.01
N GLY B 9 -3.66 0.29 -15.60
CA GLY B 9 -2.72 -0.82 -15.64
C GLY B 9 -2.44 -1.44 -14.27
N GLY B 10 -3.36 -1.24 -13.33
CA GLY B 10 -3.30 -1.91 -12.04
C GLY B 10 -2.54 -1.12 -11.00
N ALA B 11 -2.16 0.10 -11.35
CA ALA B 11 -1.43 0.97 -10.43
C ALA B 11 -2.29 1.34 -9.22
N LEU B 12 -1.63 1.56 -8.09
CA LEU B 12 -2.29 2.05 -6.90
C LEU B 12 -2.03 3.56 -6.74
N CYS B 13 -2.95 4.24 -6.07
CA CYS B 13 -2.76 5.63 -5.73
C CYS B 13 -1.86 5.74 -4.51
N PRO B 14 -1.08 6.81 -4.42
CA PRO B 14 -0.26 7.06 -3.22
C PRO B 14 -1.09 7.58 -2.05
N ASN B 15 -0.61 7.31 -0.83
CA ASN B 15 -1.18 7.91 0.37
C ASN B 15 -2.64 7.52 0.60
N ASN B 16 -2.98 6.30 0.18
CA ASN B 16 -4.30 5.72 0.43
C ASN B 16 -5.41 6.41 -0.33
N LYS B 17 -5.05 7.21 -1.32
CA LYS B 17 -6.05 7.80 -2.20
C LYS B 17 -6.87 6.71 -2.87
N CYS B 18 -8.17 6.93 -2.94
CA CYS B 18 -9.08 5.99 -3.55
C CYS B 18 -8.98 6.02 -5.05
N CYS B 19 -9.04 4.85 -5.66
CA CYS B 19 -9.12 4.76 -7.10
C CYS B 19 -10.58 4.63 -7.53
N SER B 20 -11.09 5.69 -8.15
CA SER B 20 -12.49 5.73 -8.56
C SER B 20 -12.80 4.60 -9.53
N ARG B 21 -14.08 4.46 -9.86
CA ARG B 21 -14.52 3.47 -10.84
C ARG B 21 -14.03 3.83 -12.23
N TYR B 22 -13.52 5.06 -12.39
CA TYR B 22 -13.07 5.53 -13.69
C TYR B 22 -11.54 5.50 -13.84
N GLY B 23 -10.85 5.16 -12.76
CA GLY B 23 -9.42 4.98 -12.81
C GLY B 23 -8.64 6.25 -12.50
N TYR B 24 -9.19 7.08 -11.62
CA TYR B 24 -8.49 8.28 -11.16
C TYR B 24 -8.39 8.30 -9.63
N CYS B 25 -7.40 9.03 -9.12
CA CYS B 25 -7.11 9.06 -7.69
C CYS B 25 -7.77 10.25 -7.01
N GLY B 26 -8.34 10.00 -5.83
CA GLY B 26 -8.97 11.07 -5.05
C GLY B 26 -9.56 10.61 -3.73
N PHE B 27 -10.25 11.51 -3.05
CA PHE B 27 -11.02 11.16 -1.87
C PHE B 27 -12.43 11.71 -2.01
N GLY B 28 -13.33 11.25 -1.15
CA GLY B 28 -14.73 11.62 -1.24
C GLY B 28 -15.54 10.55 -1.94
N PRO B 29 -16.87 10.70 -1.95
CA PRO B 29 -17.77 9.66 -2.43
C PRO B 29 -17.50 9.23 -3.88
N ALA B 30 -17.10 10.18 -4.73
CA ALA B 30 -16.91 9.90 -6.15
C ALA B 30 -15.76 8.95 -6.40
N TYR B 31 -14.79 8.95 -5.48
CA TYR B 31 -13.62 8.08 -5.58
C TYR B 31 -13.73 6.85 -4.67
N CYS B 32 -14.13 7.09 -3.42
CA CYS B 32 -14.07 6.04 -2.40
C CYS B 32 -15.37 5.26 -2.32
N GLY B 33 -16.41 5.76 -2.97
CA GLY B 33 -17.72 5.13 -2.91
C GLY B 33 -17.90 4.04 -3.94
N THR B 34 -19.13 3.87 -4.42
CA THR B 34 -19.46 2.81 -5.37
C THR B 34 -18.41 2.72 -6.47
N GLY B 35 -17.83 1.54 -6.64
CA GLY B 35 -16.92 1.29 -7.74
C GLY B 35 -15.45 1.49 -7.37
N CYS B 36 -15.21 2.01 -6.18
CA CYS B 36 -13.85 2.21 -5.69
C CYS B 36 -13.02 0.94 -5.90
N GLN B 37 -11.84 1.09 -6.51
CA GLN B 37 -11.04 -0.08 -6.91
C GLN B 37 -9.92 -0.37 -5.92
N SER B 38 -9.47 0.66 -5.21
CA SER B 38 -8.37 0.53 -4.28
C SER B 38 -8.25 1.78 -3.44
N GLY B 39 -7.31 1.76 -2.50
CA GLY B 39 -7.13 2.85 -1.56
C GLY B 39 -8.13 2.77 -0.42
N GLY B 40 -8.41 3.91 0.20
CA GLY B 40 -9.29 3.96 1.36
C GLY B 40 -10.76 3.99 1.00
N CYS B 41 -11.22 2.93 0.35
CA CYS B 41 -12.61 2.85 -0.08
C CYS B 41 -13.52 2.89 1.13
N CYS B 42 -14.71 3.42 0.93
CA CYS B 42 -15.75 3.41 1.95
C CYS B 42 -17.10 3.11 1.35
N PRO B 43 -17.67 1.98 1.72
CA PRO B 43 -17.03 1.04 2.65
C PRO B 43 -15.76 0.44 2.05
N GLY B 44 -15.03 -0.31 2.86
CA GLY B 44 -13.83 -0.97 2.39
C GLY B 44 -14.15 -2.08 1.41
N LYS B 45 -13.22 -2.32 0.49
CA LYS B 45 -13.40 -3.40 -0.48
C LYS B 45 -13.62 -4.72 0.23
N ARG B 46 -14.36 -5.61 -0.40
CA ARG B 46 -14.57 -6.94 0.12
C ARG B 46 -13.31 -7.76 -0.11
N CYS B 47 -13.03 -8.66 0.83
CA CYS B 47 -11.76 -9.37 0.83
C CYS B 47 -11.90 -10.70 1.53
N GLY B 48 -10.87 -11.55 1.37
CA GLY B 48 -10.81 -12.81 2.09
C GLY B 48 -12.00 -13.71 1.80
N ASP B 49 -12.54 -14.33 2.84
CA ASP B 49 -13.59 -15.33 2.68
C ASP B 49 -14.89 -14.70 2.16
N GLN B 50 -14.82 -13.42 1.83
CA GLN B 50 -15.97 -12.70 1.28
C GLN B 50 -15.64 -12.14 -0.10
N ALA B 51 -14.55 -12.62 -0.70
CA ALA B 51 -14.14 -12.15 -2.02
C ALA B 51 -13.30 -13.19 -2.74
N ASN B 52 -13.56 -14.47 -2.46
CA ASN B 52 -12.85 -15.56 -3.12
C ASN B 52 -11.36 -15.56 -2.79
N GLY B 53 -11.02 -14.99 -1.64
CA GLY B 53 -9.64 -15.02 -1.14
C GLY B 53 -8.78 -13.88 -1.68
N GLU B 54 -9.41 -12.93 -2.36
CA GLU B 54 -8.70 -11.76 -2.86
C GLU B 54 -8.26 -10.87 -1.71
N THR B 55 -6.99 -10.48 -1.72
CA THR B 55 -6.45 -9.67 -0.65
C THR B 55 -6.75 -8.19 -0.88
N CYS B 56 -6.69 -7.41 0.20
CA CYS B 56 -6.90 -5.99 0.11
C CYS B 56 -5.77 -5.31 -0.66
N PRO B 57 -6.12 -4.38 -1.56
CA PRO B 57 -5.14 -3.53 -2.23
C PRO B 57 -4.47 -2.59 -1.23
N ASN B 58 -3.21 -2.26 -1.48
CA ASN B 58 -2.49 -1.26 -0.69
C ASN B 58 -2.06 -1.78 0.69
N ASN B 59 -2.11 -3.10 0.86
CA ASN B 59 -1.76 -3.72 2.14
C ASN B 59 -2.71 -3.29 3.27
N LEU B 60 -3.97 -3.06 2.92
CA LEU B 60 -4.97 -2.89 3.95
C LEU B 60 -5.27 -4.22 4.64
N CYS B 61 -5.74 -4.16 5.87
CA CYS B 61 -6.09 -5.37 6.60
C CYS B 61 -7.48 -5.84 6.22
N CYS B 62 -7.66 -7.15 6.12
CA CYS B 62 -8.95 -7.74 5.85
C CYS B 62 -9.60 -8.19 7.14
N SER B 63 -10.71 -7.56 7.49
CA SER B 63 -11.37 -7.82 8.78
C SER B 63 -12.06 -9.18 8.80
N GLU B 64 -12.42 -9.63 9.98
CA GLU B 64 -13.15 -10.88 10.14
C GLU B 64 -14.41 -10.90 9.26
N ASP B 65 -14.99 -9.72 9.05
CA ASP B 65 -16.24 -9.60 8.31
C ASP B 65 -15.99 -9.47 6.80
N GLY B 66 -14.71 -9.43 6.42
CA GLY B 66 -14.35 -9.41 5.00
C GLY B 66 -14.39 -8.03 4.39
N TYR B 67 -13.99 -7.02 5.16
CA TYR B 67 -13.87 -5.66 4.65
C TYR B 67 -12.44 -5.16 4.83
N CYS B 68 -11.98 -4.32 3.91
CA CYS B 68 -10.62 -3.79 3.94
C CYS B 68 -10.57 -2.50 4.75
N GLY B 69 -9.54 -2.39 5.59
CA GLY B 69 -9.36 -1.19 6.40
C GLY B 69 -8.15 -1.28 7.31
N PHE B 70 -8.05 -0.32 8.22
CA PHE B 70 -7.00 -0.32 9.23
C PHE B 70 -7.60 -0.06 10.60
N GLY B 71 -6.80 -0.28 11.64
CA GLY B 71 -7.29 -0.19 13.01
C GLY B 71 -7.52 -1.56 13.61
N SER B 72 -7.74 -1.62 14.92
CA SER B 72 -7.85 -2.89 15.62
C SER B 72 -9.00 -3.73 15.07
N GLU B 73 -10.04 -3.06 14.59
CA GLU B 73 -11.20 -3.75 14.03
C GLU B 73 -10.82 -4.57 12.79
N TYR B 74 -9.78 -4.13 12.11
CA TYR B 74 -9.40 -4.72 10.82
C TYR B 74 -8.15 -5.59 10.93
N CYS B 75 -7.14 -5.07 11.63
CA CYS B 75 -5.85 -5.76 11.73
C CYS B 75 -5.77 -6.65 12.96
N GLY B 76 -6.65 -6.40 13.93
CA GLY B 76 -6.60 -7.12 15.20
C GLY B 76 -7.30 -8.46 15.15
N ALA B 77 -7.97 -8.81 16.24
CA ALA B 77 -8.66 -10.09 16.34
C ALA B 77 -9.49 -10.34 15.08
N GLY B 78 -9.30 -11.52 14.49
CA GLY B 78 -10.14 -11.95 13.36
C GLY B 78 -9.57 -11.56 12.01
N CYS B 79 -8.54 -10.72 12.01
CA CYS B 79 -7.90 -10.27 10.77
C CYS B 79 -7.59 -11.47 9.86
N GLN B 80 -7.93 -11.32 8.58
CA GLN B 80 -7.85 -12.44 7.63
C GLN B 80 -6.62 -12.33 6.74
N GLY B 81 -6.14 -11.11 6.58
CA GLY B 81 -5.09 -10.82 5.62
C GLY B 81 -4.54 -9.42 5.78
N GLY B 82 -3.52 -9.11 4.99
CA GLY B 82 -2.81 -7.86 5.14
C GLY B 82 -1.93 -7.89 6.37
N PRO B 83 -1.53 -6.70 6.85
CA PRO B 83 -0.60 -6.62 7.97
C PRO B 83 -1.31 -6.84 9.31
N CYS B 84 -1.95 -8.00 9.46
CA CYS B 84 -2.54 -8.37 10.73
C CYS B 84 -1.52 -8.19 11.85
N ARG B 85 -2.02 -8.01 13.08
CA ARG B 85 -1.15 -7.82 14.22
C ARG B 85 -0.52 -9.14 14.68
N ALA B 86 -1.13 -10.24 14.28
CA ALA B 86 -0.60 -11.56 14.57
C ALA B 86 0.55 -11.89 13.63
N ASP B 87 1.57 -12.56 14.15
CA ASP B 87 2.66 -13.07 13.30
C ASP B 87 2.10 -14.03 12.26
N LYS B 88 2.69 -13.98 11.07
CA LYS B 88 2.26 -14.82 9.97
C LYS B 88 3.33 -15.85 9.65
N LEU B 89 3.01 -17.12 9.87
CA LEU B 89 3.98 -18.20 9.66
C LEU B 89 4.06 -18.59 8.19
N CYS B 90 5.23 -19.09 7.79
CA CYS B 90 5.43 -19.60 6.45
C CYS B 90 6.47 -20.69 6.46
N GLY B 91 6.77 -21.22 5.28
CA GLY B 91 7.78 -22.27 5.13
C GLY B 91 8.00 -22.62 3.66
N GLN B 97 5.29 -23.32 2.21
CA GLN B 97 4.10 -22.50 2.31
C GLN B 97 4.43 -21.03 2.08
N LEU B 98 3.89 -20.47 1.00
CA LEU B 98 4.24 -19.12 0.56
C LEU B 98 3.53 -18.06 1.39
N CYS B 99 4.15 -16.90 1.49
CA CYS B 99 3.51 -15.74 2.08
C CYS B 99 2.59 -15.09 1.07
N PRO B 100 1.54 -14.43 1.55
CA PRO B 100 0.65 -13.70 0.64
C PRO B 100 1.25 -12.38 0.16
N ASP B 101 0.87 -11.97 -1.03
CA ASP B 101 1.25 -10.66 -1.58
C ASP B 101 2.76 -10.44 -1.59
N ASN B 102 3.47 -11.46 -2.05
CA ASN B 102 4.90 -11.36 -2.32
C ASN B 102 5.74 -11.06 -1.07
N LEU B 103 5.15 -11.19 0.10
CA LEU B 103 5.90 -11.04 1.34
C LEU B 103 6.99 -12.09 1.42
N CYS B 104 8.14 -11.69 1.96
CA CYS B 104 9.27 -12.60 2.08
C CYS B 104 9.07 -13.58 3.23
N CYS B 105 9.36 -14.85 2.97
CA CYS B 105 9.40 -15.85 4.01
C CYS B 105 10.81 -15.95 4.58
N SER B 106 11.00 -15.44 5.79
CA SER B 106 12.33 -15.36 6.39
C SER B 106 12.90 -16.76 6.59
N GLN B 107 14.19 -16.81 6.89
CA GLN B 107 14.85 -18.08 7.22
C GLN B 107 14.19 -18.72 8.44
N TRP B 108 13.55 -17.90 9.28
CA TRP B 108 12.94 -18.39 10.51
C TRP B 108 11.50 -18.86 10.29
N GLY B 109 10.97 -18.61 9.10
CA GLY B 109 9.62 -19.05 8.75
C GLY B 109 8.53 -18.08 9.17
N PHE B 110 8.81 -16.79 9.05
CA PHE B 110 7.79 -15.77 9.23
C PHE B 110 7.73 -14.87 8.00
N CYS B 111 6.56 -14.26 7.78
CA CYS B 111 6.34 -13.40 6.62
C CYS B 111 6.59 -11.96 6.96
N GLY B 112 7.27 -11.26 6.06
CA GLY B 112 7.45 -9.81 6.21
C GLY B 112 8.20 -9.21 5.04
N LEU B 113 8.63 -7.97 5.23
CA LEU B 113 9.46 -7.28 4.26
C LEU B 113 10.57 -6.57 5.00
N GLY B 114 11.60 -6.17 4.27
CA GLY B 114 12.82 -5.66 4.89
C GLY B 114 13.87 -6.76 4.96
N VAL B 115 15.11 -6.38 5.27
CA VAL B 115 16.23 -7.29 5.12
C VAL B 115 16.11 -8.54 6.01
N GLU B 116 15.54 -8.37 7.21
CA GLU B 116 15.42 -9.50 8.13
C GLU B 116 14.62 -10.63 7.50
N PHE B 117 13.70 -10.26 6.62
CA PHE B 117 12.85 -11.24 5.94
C PHE B 117 13.37 -11.57 4.54
N CYS B 118 13.76 -10.54 3.81
CA CYS B 118 14.04 -10.69 2.37
C CYS B 118 15.53 -10.93 2.09
N GLY B 119 16.37 -10.69 3.08
CA GLY B 119 17.81 -10.81 2.91
C GLY B 119 18.30 -12.24 3.07
N ASP B 120 19.43 -12.41 3.74
CA ASP B 120 20.02 -13.73 3.94
C ASP B 120 19.01 -14.71 4.50
N GLY B 121 18.90 -15.87 3.85
CA GLY B 121 18.03 -16.93 4.33
C GLY B 121 16.61 -16.83 3.80
N CYS B 122 16.31 -15.75 3.08
CA CYS B 122 14.99 -15.59 2.49
C CYS B 122 14.63 -16.83 1.69
N GLN B 123 13.48 -17.42 1.99
CA GLN B 123 13.07 -18.67 1.35
C GLN B 123 12.24 -18.43 0.10
N SER B 124 11.42 -17.39 0.13
CA SER B 124 10.48 -17.13 -0.95
C SER B 124 9.88 -15.74 -0.82
N GLY B 125 9.09 -15.36 -1.81
CA GLY B 125 8.59 -13.99 -1.92
C GLY B 125 9.63 -13.06 -2.50
N ALA B 126 9.54 -11.79 -2.14
CA ALA B 126 10.38 -10.76 -2.74
C ALA B 126 11.79 -10.73 -2.13
N CYS B 127 12.49 -11.86 -2.24
CA CYS B 127 13.85 -11.95 -1.70
C CYS B 127 14.77 -10.94 -2.37
N CYS B 128 15.70 -10.41 -1.58
CA CYS B 128 16.64 -9.39 -2.05
C CYS B 128 17.50 -9.93 -3.19
N SER B 129 18.06 -11.11 -2.97
CA SER B 129 19.05 -11.64 -3.91
C SER B 129 19.08 -13.16 -3.85
N MET B 130 18.01 -13.79 -4.31
CA MET B 130 17.96 -15.23 -4.41
C MET B 130 18.54 -15.65 -5.76
N ARG B 131 19.60 -16.45 -5.70
CA ARG B 131 20.31 -16.86 -6.91
C ARG B 131 19.55 -17.96 -7.65
N CYS B 132 19.80 -18.07 -8.94
CA CYS B 132 19.10 -19.04 -9.77
C CYS B 132 19.86 -19.25 -11.08
N GLY B 133 19.43 -20.25 -11.84
CA GLY B 133 19.97 -20.46 -13.19
C GLY B 133 21.39 -21.01 -13.18
N ARG B 134 22.10 -20.83 -14.29
CA ARG B 134 23.43 -21.40 -14.44
C ARG B 134 24.30 -20.98 -13.28
N GLN B 135 24.18 -19.72 -12.88
CA GLN B 135 24.99 -19.17 -11.81
C GLN B 135 24.73 -19.89 -10.49
N ALA B 136 23.59 -20.57 -10.40
CA ALA B 136 23.23 -21.29 -9.18
C ALA B 136 23.07 -22.78 -9.44
N ASP B 137 23.69 -23.25 -10.52
CA ASP B 137 23.63 -24.67 -10.89
C ASP B 137 22.22 -25.15 -11.16
N GLY B 138 21.40 -24.30 -11.78
CA GLY B 138 20.11 -24.71 -12.28
C GLY B 138 18.97 -24.49 -11.30
N ALA B 139 19.31 -24.00 -10.10
CA ALA B 139 18.30 -23.69 -9.09
C ALA B 139 17.12 -22.93 -9.70
N LYS B 140 15.92 -23.21 -9.19
CA LYS B 140 14.70 -22.59 -9.66
C LYS B 140 14.26 -21.46 -8.72
N CYS B 141 13.57 -20.49 -9.27
CA CYS B 141 12.97 -19.43 -8.46
C CYS B 141 11.62 -19.88 -7.92
N THR B 142 11.24 -19.32 -6.78
CA THR B 142 9.93 -19.58 -6.20
C THR B 142 8.91 -18.58 -6.74
N ASN B 143 7.67 -18.71 -6.29
CA ASN B 143 6.62 -17.75 -6.59
C ASN B 143 6.40 -17.58 -8.09
N ASN B 144 6.97 -18.48 -8.87
CA ASN B 144 6.90 -18.39 -10.32
C ASN B 144 7.54 -17.10 -10.81
N TYR B 145 8.56 -16.63 -10.09
CA TYR B 145 9.36 -15.51 -10.57
C TYR B 145 10.21 -15.96 -11.75
N CYS B 146 10.79 -15.00 -12.45
CA CYS B 146 11.70 -15.29 -13.54
C CYS B 146 13.13 -15.25 -13.04
N CYS B 147 13.96 -16.12 -13.59
CA CYS B 147 15.39 -16.06 -13.36
C CYS B 147 16.03 -15.19 -14.43
N GLY B 148 16.64 -14.10 -14.01
CA GLY B 148 17.27 -13.16 -14.94
C GLY B 148 18.55 -13.69 -15.55
N ALA B 149 19.12 -12.93 -16.47
CA ALA B 149 20.33 -13.32 -17.18
C ALA B 149 21.51 -13.53 -16.23
N SER B 150 21.59 -12.70 -15.20
CA SER B 150 22.75 -12.72 -14.30
C SER B 150 22.56 -13.68 -13.14
N GLY B 151 21.39 -14.31 -13.08
CA GLY B 151 21.14 -15.38 -12.12
C GLY B 151 20.55 -14.89 -10.81
N TYR B 152 19.64 -13.91 -10.90
CA TYR B 152 18.84 -13.50 -9.75
C TYR B 152 17.37 -13.68 -10.05
N CYS B 153 16.61 -14.02 -9.01
CA CYS B 153 15.17 -14.16 -9.13
C CYS B 153 14.48 -12.81 -9.04
N GLY B 154 13.50 -12.59 -9.91
CA GLY B 154 12.72 -11.37 -9.88
C GLY B 154 11.55 -11.39 -10.85
N LEU B 155 10.84 -10.26 -10.90
CA LEU B 155 9.77 -10.06 -11.86
C LEU B 155 9.98 -8.75 -12.57
N GLY B 156 9.26 -8.55 -13.66
CA GLY B 156 9.46 -7.39 -14.50
C GLY B 156 10.33 -7.69 -15.70
N GLY B 157 10.44 -6.72 -16.60
CA GLY B 157 11.16 -6.91 -17.85
C GLY B 157 12.61 -7.30 -17.66
N ASP B 158 13.22 -6.81 -16.57
CA ASP B 158 14.64 -7.06 -16.35
C ASP B 158 14.91 -8.54 -16.06
N TYR B 159 13.90 -9.26 -15.63
CA TYR B 159 14.08 -10.65 -15.24
C TYR B 159 13.35 -11.61 -16.19
N CYS B 160 12.17 -11.20 -16.66
CA CYS B 160 11.34 -12.06 -17.49
C CYS B 160 11.59 -11.84 -18.98
N GLY B 161 12.26 -10.73 -19.29
CA GLY B 161 12.52 -10.37 -20.68
C GLY B 161 13.73 -11.09 -21.23
N ALA B 162 14.58 -10.34 -21.91
CA ALA B 162 15.74 -10.91 -22.57
C ALA B 162 16.73 -11.46 -21.57
N GLY B 163 17.24 -12.66 -21.84
CA GLY B 163 18.21 -13.30 -20.98
C GLY B 163 17.57 -14.21 -19.96
N CYS B 164 16.25 -14.09 -19.82
CA CYS B 164 15.50 -14.88 -18.86
C CYS B 164 15.81 -16.37 -19.05
N GLN B 165 16.15 -17.03 -17.95
CA GLN B 165 16.60 -18.42 -17.99
C GLN B 165 15.48 -19.40 -17.67
N SER B 166 14.72 -19.08 -16.63
CA SER B 166 13.63 -19.95 -16.20
C SER B 166 12.50 -19.13 -15.60
N GLY B 167 11.41 -19.81 -15.25
CA GLY B 167 10.18 -19.14 -14.86
C GLY B 167 9.36 -18.78 -16.09
N PRO B 168 8.39 -17.87 -15.92
CA PRO B 168 7.52 -17.46 -17.02
C PRO B 168 8.16 -16.41 -17.93
N CYS B 169 9.31 -16.73 -18.51
CA CYS B 169 9.94 -15.85 -19.49
C CYS B 169 8.93 -15.49 -20.58
N THR B 170 9.23 -14.44 -21.33
CA THR B 170 8.39 -14.04 -22.44
C THR B 170 9.14 -14.18 -23.77
C1 NAG C . -12.24 1.76 19.84
C2 NAG C . -11.53 2.00 18.53
C3 NAG C . -10.58 0.87 18.29
C4 NAG C . -9.58 0.86 19.42
C5 NAG C . -10.32 0.74 20.76
C6 NAG C . -9.31 0.83 21.90
C7 NAG C . -12.67 3.20 16.71
C8 NAG C . -13.51 3.04 15.45
N2 NAG C . -12.51 2.06 17.42
O1 NAG C . -13.22 2.78 20.04
O3 NAG C . -9.90 1.07 17.03
O4 NAG C . -8.70 -0.27 19.27
O5 NAG C . -11.27 1.81 20.90
O6 NAG C . -9.98 0.67 23.15
O7 NAG C . -12.09 4.25 16.96
C1 GOL D . -7.97 8.54 21.50
O1 GOL D . -7.08 9.58 21.06
C2 GOL D . -8.45 8.84 22.92
O2 GOL D . -7.81 10.01 23.42
C3 GOL D . -8.14 7.65 23.83
O3 GOL D . -9.35 7.00 24.22
C1 NAG E . -12.65 12.89 -13.70
C2 NAG E . -12.37 11.91 -12.58
C3 NAG E . -11.47 12.58 -11.56
C4 NAG E . -10.18 12.95 -12.23
C5 NAG E . -10.48 13.89 -13.43
C6 NAG E . -9.18 14.21 -14.16
C7 NAG E . -13.68 10.36 -11.22
C8 NAG E . -14.70 10.35 -10.08
N2 NAG E . -13.61 11.51 -11.92
O1 NAG E . -13.56 12.30 -14.64
O3 NAG E . -11.21 11.68 -10.48
O4 NAG E . -9.32 13.61 -11.28
O5 NAG E . -11.40 13.24 -14.35
O6 NAG E . -8.45 15.19 -13.41
O7 NAG E . -12.93 9.41 -11.40
C1 NAG F . 10.99 -14.20 14.71
C2 NAG F . 10.44 -13.49 13.50
C3 NAG F . 9.49 -12.45 14.00
C4 NAG F . 8.35 -13.14 14.74
C5 NAG F . 8.88 -14.10 15.82
C6 NAG F . 7.73 -14.96 16.35
C7 NAG F . 11.82 -13.22 11.45
C8 NAG F . 12.92 -12.41 10.78
N2 NAG F . 11.54 -12.86 12.73
O1 NAG F . 12.09 -15.04 14.32
O3 NAG F . 8.99 -11.69 12.89
O4 NAG F . 7.51 -12.15 15.37
O5 NAG F . 9.92 -14.98 15.28
O6 NAG F . 8.11 -15.62 17.56
O7 NAG F . 11.29 -14.18 10.88
#